data_4TQE
#
_entry.id   4TQE
#
_cell.length_a   124.865
_cell.length_b   59.732
_cell.length_c   71.041
_cell.angle_alpha   90.00
_cell.angle_beta   112.76
_cell.angle_gamma   90.00
#
_symmetry.space_group_name_H-M   'C 1 2 1'
#
loop_
_entity.id
_entity.type
_entity.pdbx_description
1 polymer 'If kappa light chain'
2 polymer 'Fab heavy chain'
3 polymer 'Microtubule-associated protein tau'
4 non-polymer 'SULFATE ION'
5 non-polymer 'SODIUM ION'
6 non-polymer 'TRIETHYLENE GLYCOL'
7 water water
#
loop_
_entity_poly.entity_id
_entity_poly.type
_entity_poly.pdbx_seq_one_letter_code
_entity_poly.pdbx_strand_id
1 'polypeptide(L)'
;DVLMTQTPLSLPVSLGDQASISCRSSQSIVHSNGNTYLEWYLQKPGQSPKLLIYKVSNRFSGVPDRFSGSGSGTDFTLKI
SRVEAEDLGVYYCFQGSHVPWTFGGGTKLEIKRADAAPTVSIFPPSSEQLTSGGASVVCFLNNFYPKDINVKWKIDGSER
QNGVLNSWTDQDSKDSTYSMSSTLTLTKDEYERHNSYTCEATHKTSTSPIVKSFNRNE
;
L
2 'polypeptide(L)'
;EVQLQQSGAEIVRSGASVKLSCAASGFNIKDYYMHWVKQRPEQGLEWIGWIDPENGDIAYAPKFQGKATMTADTSSNTAY
LQLSRLTSEDTAVYFCNGRGGMITTDFFDYWGQGTTLTVSSAKTTPPSVYPLAPGSAAQTNSMVTLGCLVKGYFPEPVTV
TWNSGSLSSGVHTFPAVLQSDLYTLSSSVTVPSSTWPSETVTCNVAHPASSTKVDKKIVPRD
;
H
3 'polypeptide(L)' LPTPPTREPKKVAVVR A
#
# COMPACT_ATOMS: atom_id res chain seq x y z
N ASP A 1 -10.99 -20.35 11.10
CA ASP A 1 -11.06 -20.17 9.63
C ASP A 1 -9.99 -21.04 8.98
N VAL A 2 -10.24 -21.50 7.75
CA VAL A 2 -9.24 -22.26 7.02
C VAL A 2 -8.13 -21.26 6.70
N LEU A 3 -6.93 -21.58 7.14
CA LEU A 3 -5.78 -20.69 6.99
C LEU A 3 -5.06 -21.04 5.69
N MET A 4 -4.79 -20.00 4.90
CA MET A 4 -4.08 -20.12 3.63
C MET A 4 -2.71 -19.51 3.82
N THR A 5 -1.66 -20.29 3.61
CA THR A 5 -0.30 -19.80 3.81
C THR A 5 0.47 -19.92 2.50
N GLN A 6 1.20 -18.87 2.15
CA GLN A 6 1.98 -18.79 0.92
C GLN A 6 3.45 -18.74 1.21
N THR A 7 4.22 -19.42 0.38
CA THR A 7 5.69 -19.26 0.40
C THR A 7 6.20 -19.21 -1.05
N PRO A 8 7.31 -18.49 -1.29
CA PRO A 8 7.97 -17.61 -0.33
C PRO A 8 7.18 -16.32 -0.13
N LEU A 9 7.60 -15.54 0.87
CA LEU A 9 7.05 -14.21 1.11
C LEU A 9 7.42 -13.22 -0.01
N SER A 10 8.68 -13.33 -0.46
N SER A 10 8.68 -13.30 -0.43
CA SER A 10 9.20 -12.43 -1.48
CA SER A 10 9.24 -12.42 -1.46
C SER A 10 10.05 -13.24 -2.44
C SER A 10 10.03 -13.28 -2.44
N LEU A 11 9.84 -13.02 -3.73
CA LEU A 11 10.51 -13.78 -4.74
C LEU A 11 11.16 -12.85 -5.78
N PRO A 12 12.44 -12.52 -5.56
CA PRO A 12 13.23 -11.81 -6.59
C PRO A 12 13.49 -12.70 -7.78
N VAL A 13 13.25 -12.17 -8.97
CA VAL A 13 13.43 -12.89 -10.22
CA VAL A 13 13.42 -12.89 -10.21
C VAL A 13 13.95 -11.95 -11.30
N SER A 14 14.69 -12.49 -12.28
CA SER A 14 15.13 -11.72 -13.43
C SER A 14 14.08 -11.93 -14.50
N LEU A 15 13.86 -10.93 -15.35
CA LEU A 15 12.92 -11.09 -16.46
C LEU A 15 13.36 -12.26 -17.32
N GLY A 16 12.38 -13.06 -17.74
CA GLY A 16 12.62 -14.22 -18.57
C GLY A 16 12.76 -15.50 -17.76
N ASP A 17 12.95 -15.36 -16.44
CA ASP A 17 13.12 -16.52 -15.58
C ASP A 17 11.77 -17.11 -15.18
N GLN A 18 11.80 -18.27 -14.56
CA GLN A 18 10.56 -18.89 -14.04
C GLN A 18 10.39 -18.55 -12.56
N ALA A 19 9.15 -18.52 -12.11
CA ALA A 19 8.82 -18.34 -10.70
C ALA A 19 7.71 -19.31 -10.33
N SER A 20 7.79 -19.86 -9.12
CA SER A 20 6.77 -20.75 -8.60
CA SER A 20 6.81 -20.79 -8.59
C SER A 20 6.46 -20.36 -7.17
N ILE A 21 5.16 -20.26 -6.89
CA ILE A 21 4.66 -19.81 -5.59
C ILE A 21 3.76 -20.91 -5.03
N SER A 22 3.93 -21.21 -3.76
CA SER A 22 3.18 -22.29 -3.14
C SER A 22 2.11 -21.70 -2.22
N CYS A 23 1.01 -22.44 -2.12
CA CYS A 23 -0.12 -22.10 -1.27
C CYS A 23 -0.57 -23.39 -0.58
N ARG A 24 -0.65 -23.36 0.74
CA ARG A 24 -1.12 -24.51 1.53
C ARG A 24 -2.32 -24.08 2.36
N SER A 25 -3.36 -24.91 2.39
CA SER A 25 -4.51 -24.71 3.29
C SER A 25 -4.36 -25.58 4.52
N SER A 26 -4.90 -25.13 5.64
CA SER A 26 -4.75 -25.84 6.91
C SER A 26 -5.59 -27.10 6.97
N GLN A 27 -6.55 -27.21 6.06
CA GLN A 27 -7.32 -28.42 5.86
C GLN A 27 -7.83 -28.40 4.44
N SER A 28 -8.40 -29.52 4.03
CA SER A 28 -8.87 -29.70 2.68
C SER A 28 -9.82 -28.58 2.26
N ILE A 29 -9.63 -28.05 1.05
CA ILE A 29 -10.60 -27.09 0.49
C ILE A 29 -11.39 -27.65 -0.70
N VAL A 30 -11.61 -28.96 -0.71
CA VAL A 30 -12.54 -29.55 -1.64
C VAL A 30 -13.94 -29.23 -1.09
N HIS A 31 -14.79 -28.67 -1.93
CA HIS A 31 -16.15 -28.28 -1.59
C HIS A 31 -17.01 -29.56 -1.58
N SER A 32 -18.16 -29.50 -0.90
CA SER A 32 -19.08 -30.63 -0.85
C SER A 32 -19.33 -31.15 -2.26
N ASN A 33 -19.58 -30.21 -3.15
CA ASN A 33 -19.94 -30.46 -4.55
C ASN A 33 -18.83 -31.00 -5.45
N GLY A 34 -17.65 -31.23 -4.89
CA GLY A 34 -16.56 -31.85 -5.63
C GLY A 34 -15.55 -30.88 -6.22
N ASN A 35 -15.95 -29.61 -6.36
CA ASN A 35 -15.06 -28.57 -6.85
C ASN A 35 -14.11 -28.07 -5.77
N THR A 36 -12.97 -27.58 -6.23
CA THR A 36 -12.00 -26.98 -5.33
C THR A 36 -11.89 -25.51 -5.74
N TYR A 37 -12.40 -24.61 -4.92
CA TYR A 37 -12.48 -23.19 -5.31
C TYR A 37 -11.24 -22.45 -4.89
N LEU A 38 -10.11 -22.86 -5.46
CA LEU A 38 -8.83 -22.23 -5.18
C LEU A 38 -8.56 -21.25 -6.31
N GLU A 39 -8.38 -19.99 -5.96
CA GLU A 39 -8.16 -18.93 -6.94
C GLU A 39 -6.84 -18.23 -6.71
N TRP A 40 -6.26 -17.69 -7.79
CA TRP A 40 -5.06 -16.86 -7.68
C TRP A 40 -5.33 -15.47 -8.24
N TYR A 41 -4.83 -14.45 -7.55
CA TYR A 41 -4.95 -13.05 -7.93
C TYR A 41 -3.57 -12.40 -8.02
N LEU A 42 -3.45 -11.40 -8.89
CA LEU A 42 -2.31 -10.50 -8.91
C LEU A 42 -2.80 -9.11 -8.58
N GLN A 43 -2.13 -8.44 -7.65
CA GLN A 43 -2.45 -7.06 -7.32
C GLN A 43 -1.23 -6.20 -7.53
N LYS A 44 -1.36 -5.20 -8.40
CA LYS A 44 -0.31 -4.21 -8.59
C LYS A 44 -0.52 -3.00 -7.69
N PRO A 45 0.56 -2.26 -7.37
CA PRO A 45 0.42 -1.13 -6.45
C PRO A 45 -0.64 -0.11 -6.89
N GLY A 46 -1.52 0.28 -5.96
CA GLY A 46 -2.59 1.23 -6.24
C GLY A 46 -3.83 0.67 -6.94
N GLN A 47 -3.77 -0.60 -7.32
CA GLN A 47 -4.84 -1.24 -8.11
C GLN A 47 -5.58 -2.27 -7.28
N SER A 48 -6.71 -2.72 -7.81
CA SER A 48 -7.45 -3.81 -7.21
C SER A 48 -6.78 -5.13 -7.59
N PRO A 49 -7.06 -6.19 -6.82
CA PRO A 49 -6.65 -7.51 -7.30
C PRO A 49 -7.30 -7.82 -8.65
N LYS A 50 -6.63 -8.62 -9.45
CA LYS A 50 -7.17 -9.11 -10.70
C LYS A 50 -7.08 -10.64 -10.72
N LEU A 51 -8.17 -11.29 -11.15
CA LEU A 51 -8.24 -12.73 -11.19
C LEU A 51 -7.31 -13.27 -12.27
N LEU A 52 -6.45 -14.21 -11.87
CA LEU A 52 -5.64 -14.99 -12.79
C LEU A 52 -6.15 -16.42 -13.06
N ILE A 53 -6.46 -17.14 -11.99
CA ILE A 53 -6.79 -18.54 -12.04
C ILE A 53 -7.99 -18.81 -11.17
N TYR A 54 -8.92 -19.64 -11.64
CA TYR A 54 -10.07 -20.06 -10.82
C TYR A 54 -10.17 -21.59 -10.82
N LYS A 55 -10.82 -22.17 -9.81
CA LYS A 55 -10.89 -23.62 -9.68
C LYS A 55 -9.56 -24.36 -9.92
N VAL A 56 -8.53 -23.90 -9.23
CA VAL A 56 -7.16 -24.49 -9.22
C VAL A 56 -6.30 -24.21 -10.44
N SER A 57 -6.83 -24.50 -11.63
CA SER A 57 -6.01 -24.59 -12.84
C SER A 57 -6.56 -23.89 -14.08
N ASN A 58 -7.70 -23.23 -13.99
CA ASN A 58 -8.33 -22.59 -15.13
C ASN A 58 -7.94 -21.12 -15.24
N ARG A 59 -7.31 -20.77 -16.36
CA ARG A 59 -6.93 -19.39 -16.61
C ARG A 59 -8.16 -18.54 -16.92
N PHE A 60 -8.30 -17.43 -16.22
CA PHE A 60 -9.33 -16.46 -16.56
C PHE A 60 -9.06 -15.85 -17.95
N SER A 61 -10.10 -15.32 -18.59
CA SER A 61 -9.96 -14.63 -19.88
C SER A 61 -8.83 -13.62 -19.90
N GLY A 62 -8.02 -13.62 -20.96
CA GLY A 62 -6.94 -12.64 -21.13
C GLY A 62 -5.63 -12.94 -20.41
N VAL A 63 -5.62 -13.97 -19.58
CA VAL A 63 -4.45 -14.35 -18.81
C VAL A 63 -3.58 -15.24 -19.70
N PRO A 64 -2.33 -14.83 -19.97
CA PRO A 64 -1.49 -15.59 -20.91
C PRO A 64 -1.10 -16.96 -20.41
N ASP A 65 -0.74 -17.84 -21.34
CA ASP A 65 -0.47 -19.23 -21.01
C ASP A 65 0.81 -19.45 -20.21
N ARG A 66 1.60 -18.41 -20.00
CA ARG A 66 2.76 -18.53 -19.11
C ARG A 66 2.35 -18.70 -17.63
N PHE A 67 1.09 -18.39 -17.29
CA PHE A 67 0.56 -18.68 -15.95
C PHE A 67 -0.10 -20.04 -15.90
N SER A 68 0.29 -20.86 -14.95
CA SER A 68 -0.37 -22.16 -14.77
CA SER A 68 -0.26 -22.21 -14.78
C SER A 68 -0.54 -22.47 -13.30
N GLY A 69 -1.73 -22.97 -12.97
CA GLY A 69 -2.08 -23.32 -11.62
C GLY A 69 -2.22 -24.82 -11.49
N SER A 70 -1.75 -25.36 -10.38
CA SER A 70 -1.89 -26.79 -10.11
C SER A 70 -2.11 -27.05 -8.64
N GLY A 71 -2.46 -28.30 -8.35
CA GLY A 71 -2.49 -28.75 -6.99
C GLY A 71 -3.74 -29.51 -6.71
N SER A 72 -3.86 -29.92 -5.46
CA SER A 72 -5.00 -30.71 -5.02
C SER A 72 -5.02 -30.78 -3.50
N GLY A 73 -6.24 -30.75 -2.96
CA GLY A 73 -6.46 -30.98 -1.54
C GLY A 73 -6.09 -29.82 -0.64
N THR A 74 -4.84 -29.84 -0.19
CA THR A 74 -4.32 -28.80 0.69
C THR A 74 -3.06 -28.11 0.16
N ASP A 75 -2.57 -28.51 -1.02
CA ASP A 75 -1.29 -28.03 -1.55
C ASP A 75 -1.43 -27.61 -3.01
N PHE A 76 -1.10 -26.36 -3.28
CA PHE A 76 -1.33 -25.73 -4.59
C PHE A 76 -0.11 -24.92 -5.01
N THR A 77 0.03 -24.71 -6.31
CA THR A 77 1.15 -23.96 -6.87
C THR A 77 0.70 -23.11 -8.05
N LEU A 78 1.22 -21.89 -8.12
CA LEU A 78 1.16 -21.06 -9.31
C LEU A 78 2.56 -20.95 -9.91
N LYS A 79 2.67 -21.26 -11.20
CA LYS A 79 3.94 -21.18 -11.93
C LYS A 79 3.79 -20.11 -13.00
N ILE A 80 4.80 -19.27 -13.08
CA ILE A 80 4.94 -18.26 -14.12
C ILE A 80 6.22 -18.63 -14.89
N SER A 81 6.06 -18.99 -16.15
N SER A 81 6.07 -19.08 -16.14
CA SER A 81 7.17 -19.16 -17.05
CA SER A 81 7.13 -19.82 -16.85
C SER A 81 7.48 -17.80 -17.71
C SER A 81 8.24 -18.96 -17.48
N ARG A 82 8.74 -17.59 -18.06
N ARG A 82 7.94 -17.69 -17.75
CA ARG A 82 9.18 -16.35 -18.68
CA ARG A 82 8.94 -16.73 -18.24
C ARG A 82 8.49 -15.14 -18.08
C ARG A 82 8.50 -15.29 -18.02
N VAL A 83 8.92 -14.79 -16.87
CA VAL A 83 8.40 -13.58 -16.22
C VAL A 83 8.63 -12.30 -17.05
N GLU A 84 7.56 -11.52 -17.19
CA GLU A 84 7.61 -10.21 -17.83
C GLU A 84 7.37 -9.13 -16.81
N ALA A 85 7.77 -7.92 -17.17
CA ALA A 85 7.58 -6.75 -16.29
C ALA A 85 6.13 -6.60 -15.84
N GLU A 86 5.18 -6.88 -16.73
CA GLU A 86 3.75 -6.74 -16.38
C GLU A 86 3.26 -7.75 -15.33
N ASP A 87 4.09 -8.77 -15.05
CA ASP A 87 3.78 -9.78 -14.03
C ASP A 87 4.18 -9.36 -12.61
N LEU A 88 4.90 -8.24 -12.49
CA LEU A 88 5.43 -7.84 -11.18
C LEU A 88 4.34 -7.28 -10.28
N GLY A 89 4.38 -7.65 -9.00
CA GLY A 89 3.33 -7.28 -8.02
C GLY A 89 3.15 -8.33 -6.96
N VAL A 90 2.01 -8.33 -6.28
CA VAL A 90 1.75 -9.27 -5.20
C VAL A 90 0.70 -10.29 -5.63
N TYR A 91 1.04 -11.56 -5.44
CA TYR A 91 0.18 -12.69 -5.80
C TYR A 91 -0.46 -13.21 -4.54
N TYR A 92 -1.78 -13.41 -4.61
CA TYR A 92 -2.55 -13.95 -3.48
C TYR A 92 -3.27 -15.18 -3.91
N CYS A 93 -3.25 -16.20 -3.05
CA CYS A 93 -4.18 -17.31 -3.23
C CYS A 93 -5.41 -17.06 -2.39
N PHE A 94 -6.46 -17.82 -2.71
CA PHE A 94 -7.77 -17.61 -2.11
C PHE A 94 -8.57 -18.90 -2.15
N GLN A 95 -9.21 -19.26 -1.06
CA GLN A 95 -10.12 -20.39 -1.08
C GLN A 95 -11.54 -19.90 -0.86
N GLY A 96 -12.42 -20.32 -1.76
CA GLY A 96 -13.86 -20.07 -1.64
C GLY A 96 -14.68 -21.36 -1.50
N SER A 97 -14.13 -22.34 -0.80
CA SER A 97 -14.84 -23.62 -0.59
C SER A 97 -15.60 -23.66 0.74
N HIS A 98 -14.97 -23.13 1.78
CA HIS A 98 -15.51 -23.17 3.14
C HIS A 98 -15.64 -21.75 3.67
N VAL A 99 -16.84 -21.40 4.13
CA VAL A 99 -17.10 -20.09 4.71
C VAL A 99 -16.54 -20.05 6.12
N PRO A 100 -15.79 -18.99 6.47
CA PRO A 100 -15.42 -17.82 5.68
C PRO A 100 -14.35 -18.10 4.65
N TRP A 101 -14.58 -17.63 3.44
CA TRP A 101 -13.54 -17.65 2.41
C TRP A 101 -12.34 -16.82 2.88
N THR A 102 -11.14 -17.29 2.58
CA THR A 102 -9.92 -16.71 3.09
C THR A 102 -8.85 -16.55 2.01
N PHE A 103 -8.02 -15.53 2.20
CA PHE A 103 -6.87 -15.23 1.34
C PHE A 103 -5.56 -15.64 2.00
N GLY A 104 -4.61 -16.02 1.17
CA GLY A 104 -3.21 -16.12 1.61
C GLY A 104 -2.63 -14.75 1.93
N GLY A 105 -1.46 -14.73 2.53
CA GLY A 105 -0.87 -13.47 2.97
C GLY A 105 -0.10 -12.74 1.89
N GLY A 106 0.06 -13.38 0.73
CA GLY A 106 0.69 -12.74 -0.41
C GLY A 106 2.16 -13.10 -0.58
N THR A 107 2.59 -13.06 -1.83
CA THR A 107 3.97 -13.26 -2.25
C THR A 107 4.30 -12.17 -3.22
N LYS A 108 5.30 -11.38 -2.88
CA LYS A 108 5.74 -10.27 -3.72
C LYS A 108 6.71 -10.76 -4.78
N LEU A 109 6.31 -10.71 -6.05
CA LEU A 109 7.21 -10.99 -7.17
C LEU A 109 7.94 -9.70 -7.53
N GLU A 110 9.25 -9.69 -7.34
CA GLU A 110 10.03 -8.48 -7.53
C GLU A 110 11.18 -8.70 -8.51
N ILE A 111 11.59 -7.62 -9.17
CA ILE A 111 12.63 -7.74 -10.17
C ILE A 111 14.01 -7.63 -9.51
N LYS A 112 14.90 -8.52 -9.92
CA LYS A 112 16.31 -8.41 -9.52
C LYS A 112 17.03 -7.31 -10.27
N ARG A 113 18.07 -6.80 -9.63
CA ARG A 113 19.02 -5.93 -10.27
C ARG A 113 20.31 -6.10 -9.51
N ALA A 114 21.36 -5.43 -9.97
CA ALA A 114 22.65 -5.47 -9.28
C ALA A 114 22.54 -4.87 -7.89
N ASP A 115 23.31 -5.41 -6.96
CA ASP A 115 23.38 -4.86 -5.61
C ASP A 115 23.78 -3.39 -5.68
N ALA A 116 23.18 -2.59 -4.80
CA ALA A 116 23.44 -1.15 -4.77
C ALA A 116 23.40 -0.68 -3.32
N ALA A 117 24.47 0.00 -2.89
CA ALA A 117 24.56 0.49 -1.51
C ALA A 117 23.69 1.73 -1.37
N PRO A 118 23.08 1.94 -0.19
CA PRO A 118 22.25 3.14 -0.09
C PRO A 118 23.08 4.43 -0.07
N THR A 119 22.50 5.51 -0.58
CA THR A 119 23.03 6.85 -0.33
C THR A 119 22.34 7.39 0.90
N VAL A 120 23.15 7.64 1.93
CA VAL A 120 22.65 8.02 3.23
C VAL A 120 22.88 9.52 3.45
N SER A 121 21.82 10.22 3.86
CA SER A 121 21.83 11.65 4.16
C SER A 121 21.13 11.91 5.50
N ILE A 122 21.76 12.69 6.36
CA ILE A 122 21.16 13.03 7.65
C ILE A 122 20.88 14.52 7.68
N PHE A 123 19.74 14.89 8.27
CA PHE A 123 19.24 16.26 8.32
C PHE A 123 18.88 16.64 9.74
N PRO A 124 19.58 17.67 10.29
CA PRO A 124 19.19 18.23 11.57
C PRO A 124 17.81 18.89 11.50
N PRO A 125 17.12 19.02 12.65
CA PRO A 125 15.88 19.80 12.69
C PRO A 125 16.09 21.20 12.16
N SER A 126 15.12 21.70 11.42
CA SER A 126 15.16 23.08 10.94
C SER A 126 14.97 24.09 12.08
N SER A 127 15.53 25.28 11.90
CA SER A 127 15.32 26.32 12.93
C SER A 127 13.83 26.55 13.13
N GLU A 128 13.05 26.48 12.05
CA GLU A 128 11.60 26.65 12.11
C GLU A 128 10.94 25.65 13.07
N GLN A 129 11.32 24.39 13.00
CA GLN A 129 10.75 23.40 13.91
C GLN A 129 11.17 23.58 15.38
N LEU A 130 12.39 24.02 15.59
CA LEU A 130 12.87 24.24 16.96
C LEU A 130 12.11 25.39 17.63
N THR A 131 11.67 26.36 16.84
CA THR A 131 10.80 27.42 17.31
C THR A 131 9.55 26.93 18.03
N SER A 132 8.93 25.87 17.51
CA SER A 132 7.64 25.41 18.03
C SER A 132 7.75 24.31 19.09
N GLY A 133 8.96 23.92 19.46
CA GLY A 133 9.18 22.95 20.55
C GLY A 133 9.31 21.48 20.16
N GLY A 134 9.38 21.21 18.85
CA GLY A 134 9.62 19.85 18.35
C GLY A 134 10.98 19.77 17.70
N ALA A 135 11.50 18.55 17.54
CA ALA A 135 12.77 18.34 16.85
C ALA A 135 12.81 16.96 16.21
N SER A 136 12.69 16.94 14.89
CA SER A 136 12.69 15.70 14.14
C SER A 136 13.99 15.68 13.38
N VAL A 137 14.75 14.60 13.55
CA VAL A 137 15.97 14.35 12.82
C VAL A 137 15.60 13.33 11.73
N VAL A 138 15.99 13.60 10.50
CA VAL A 138 15.60 12.77 9.36
C VAL A 138 16.81 12.15 8.70
N CYS A 139 16.70 10.88 8.35
CA CYS A 139 17.73 10.20 7.62
C CYS A 139 17.06 9.62 6.38
N PHE A 140 17.65 9.86 5.20
CA PHE A 140 17.22 9.20 3.96
C PHE A 140 18.22 8.12 3.59
N LEU A 141 17.72 6.94 3.26
CA LEU A 141 18.55 5.88 2.73
C LEU A 141 18.04 5.58 1.35
N ASN A 142 18.70 6.15 0.33
CA ASN A 142 18.13 6.15 -1.01
C ASN A 142 18.79 5.19 -2.00
N ASN A 143 17.96 4.57 -2.83
CA ASN A 143 18.37 3.87 -4.03
C ASN A 143 19.30 2.68 -3.75
N PHE A 144 18.81 1.74 -2.94
CA PHE A 144 19.59 0.57 -2.57
C PHE A 144 18.89 -0.70 -3.07
N TYR A 145 19.67 -1.77 -3.16
CA TYR A 145 19.16 -3.09 -3.54
C TYR A 145 20.15 -4.10 -2.99
N PRO A 146 19.67 -5.20 -2.37
CA PRO A 146 18.31 -5.66 -2.11
C PRO A 146 17.63 -4.87 -1.00
N LYS A 147 16.37 -5.19 -0.75
CA LYS A 147 15.52 -4.40 0.14
C LYS A 147 15.90 -4.51 1.59
N ASP A 148 16.57 -5.59 1.97
CA ASP A 148 16.95 -5.85 3.36
C ASP A 148 17.94 -4.81 3.84
N ILE A 149 17.57 -4.05 4.86
CA ILE A 149 18.43 -3.04 5.42
C ILE A 149 18.12 -2.85 6.90
N ASN A 150 19.12 -2.50 7.69
CA ASN A 150 18.88 -2.11 9.07
C ASN A 150 19.32 -0.67 9.32
N VAL A 151 18.50 0.08 10.04
CA VAL A 151 18.85 1.45 10.38
C VAL A 151 18.88 1.62 11.89
N LYS A 152 19.93 2.24 12.38
N LYS A 152 19.97 2.19 12.39
CA LYS A 152 20.10 2.50 13.81
CA LYS A 152 20.11 2.51 13.82
C LYS A 152 20.37 3.97 14.05
C LYS A 152 20.31 4.00 13.99
N TRP A 153 19.62 4.55 14.98
CA TRP A 153 19.90 5.92 15.43
C TRP A 153 20.74 5.85 16.67
N LYS A 154 21.72 6.75 16.76
CA LYS A 154 22.49 6.93 17.97
C LYS A 154 22.54 8.41 18.36
N ILE A 155 22.36 8.66 19.65
CA ILE A 155 22.39 9.98 20.25
C ILE A 155 23.52 9.98 21.27
N ASP A 156 24.53 10.81 21.04
CA ASP A 156 25.77 10.78 21.84
C ASP A 156 26.38 9.35 21.94
N GLY A 157 26.35 8.62 20.82
CA GLY A 157 26.96 7.31 20.72
C GLY A 157 26.13 6.15 21.24
N SER A 158 24.97 6.42 21.83
CA SER A 158 24.08 5.39 22.34
C SER A 158 22.83 5.19 21.47
N GLU A 159 22.47 3.93 21.22
CA GLU A 159 21.31 3.65 20.39
C GLU A 159 20.01 4.16 21.00
N ARG A 160 19.18 4.77 20.16
CA ARG A 160 17.83 5.19 20.53
C ARG A 160 16.83 4.40 19.69
N GLN A 161 15.87 3.75 20.34
CA GLN A 161 14.82 2.98 19.63
C GLN A 161 13.37 3.51 19.74
N ASN A 162 13.06 4.32 20.74
CA ASN A 162 11.71 4.94 20.81
C ASN A 162 11.64 6.32 20.11
N GLY A 163 10.49 6.62 19.51
CA GLY A 163 10.31 7.85 18.73
C GLY A 163 10.87 7.78 17.31
N VAL A 164 11.08 6.56 16.79
CA VAL A 164 11.61 6.38 15.45
C VAL A 164 10.51 5.84 14.54
N LEU A 165 10.30 6.49 13.41
CA LEU A 165 9.35 6.01 12.42
C LEU A 165 9.98 5.90 11.04
N ASN A 166 9.76 4.76 10.40
CA ASN A 166 10.36 4.44 9.13
C ASN A 166 9.28 4.33 8.06
N SER A 167 9.65 4.64 6.82
CA SER A 167 8.75 4.57 5.69
C SER A 167 9.52 4.13 4.46
N TRP A 168 8.93 3.27 3.62
CA TRP A 168 9.64 2.67 2.50
C TRP A 168 8.91 2.98 1.22
N THR A 169 9.63 3.29 0.15
CA THR A 169 9.02 3.30 -1.17
C THR A 169 8.86 1.88 -1.71
N ASP A 170 8.00 1.76 -2.71
CA ASP A 170 7.93 0.56 -3.54
C ASP A 170 9.16 0.53 -4.41
N GLN A 171 9.48 -0.65 -4.94
CA GLN A 171 10.56 -0.79 -5.88
C GLN A 171 10.35 0.19 -7.04
N ASP A 172 11.40 0.94 -7.37
CA ASP A 172 11.34 1.97 -8.41
C ASP A 172 11.11 1.35 -9.78
N SER A 173 10.17 1.88 -10.55
CA SER A 173 9.84 1.30 -11.85
C SER A 173 10.93 1.51 -12.92
N LYS A 174 11.82 2.48 -12.69
CA LYS A 174 12.89 2.79 -13.63
C LYS A 174 14.19 2.03 -13.31
N ASP A 175 14.70 2.16 -12.09
CA ASP A 175 15.98 1.52 -11.73
C ASP A 175 15.89 0.35 -10.72
N SER A 176 14.67 -0.01 -10.31
CA SER A 176 14.43 -1.20 -9.49
C SER A 176 15.09 -1.15 -8.10
N THR A 177 15.40 0.05 -7.63
CA THR A 177 15.93 0.21 -6.30
C THR A 177 14.82 0.50 -5.33
N TYR A 178 15.17 0.37 -4.05
CA TYR A 178 14.34 0.76 -2.92
C TYR A 178 14.91 2.03 -2.27
N SER A 179 14.04 2.74 -1.59
CA SER A 179 14.45 3.88 -0.73
C SER A 179 13.67 3.85 0.56
N MET A 180 14.24 4.48 1.58
N MET A 180 14.25 4.39 1.63
CA MET A 180 13.72 4.44 2.94
CA MET A 180 13.52 4.49 2.88
C MET A 180 13.96 5.78 3.61
C MET A 180 13.97 5.70 3.67
N SER A 181 13.04 6.19 4.48
CA SER A 181 13.24 7.33 5.37
C SER A 181 13.08 6.85 6.79
N SER A 182 13.92 7.40 7.68
CA SER A 182 13.82 7.13 9.10
C SER A 182 13.82 8.48 9.79
N THR A 183 12.82 8.70 10.63
CA THR A 183 12.67 9.97 11.33
C THR A 183 12.69 9.74 12.84
N LEU A 184 13.59 10.45 13.52
CA LEU A 184 13.67 10.41 14.98
C LEU A 184 13.05 11.68 15.54
N THR A 185 11.96 11.52 16.29
CA THR A 185 11.26 12.68 16.82
C THR A 185 11.47 12.79 18.32
N LEU A 186 12.00 13.96 18.70
CA LEU A 186 12.44 14.25 20.05
C LEU A 186 11.69 15.48 20.53
N THR A 187 11.69 15.74 21.83
CA THR A 187 11.33 17.07 22.33
C THR A 187 12.50 17.99 22.00
N LYS A 188 12.23 19.28 21.86
CA LYS A 188 13.30 20.25 21.70
C LYS A 188 14.30 20.18 22.87
N ASP A 189 13.79 20.02 24.09
CA ASP A 189 14.65 19.86 25.26
C ASP A 189 15.58 18.64 25.17
N GLU A 190 15.04 17.51 24.74
N GLU A 190 15.06 17.49 24.74
CA GLU A 190 15.84 16.30 24.56
CA GLU A 190 15.92 16.33 24.61
C GLU A 190 16.90 16.56 23.50
C GLU A 190 16.93 16.56 23.49
N TYR A 191 16.49 17.16 22.38
CA TYR A 191 17.40 17.45 21.28
C TYR A 191 18.58 18.32 21.74
N GLU A 192 18.28 19.33 22.54
CA GLU A 192 19.29 20.29 22.97
C GLU A 192 20.17 19.77 24.10
N ARG A 193 19.77 18.64 24.69
CA ARG A 193 20.52 17.98 25.75
C ARG A 193 21.73 17.19 25.24
N HIS A 194 21.75 16.85 23.95
CA HIS A 194 22.83 16.05 23.40
C HIS A 194 23.45 16.78 22.26
N ASN A 195 24.63 16.35 21.87
CA ASN A 195 25.37 17.00 20.80
C ASN A 195 25.46 16.19 19.51
N SER A 196 25.76 14.88 19.60
CA SER A 196 25.99 14.05 18.42
CA SER A 196 25.98 14.05 18.42
C SER A 196 24.74 13.26 18.02
N TYR A 197 24.39 13.32 16.73
CA TYR A 197 23.25 12.55 16.17
C TYR A 197 23.77 11.78 14.96
N THR A 198 23.50 10.48 14.96
CA THR A 198 24.03 9.56 13.97
C THR A 198 22.93 8.62 13.47
N CYS A 199 22.84 8.45 12.15
CA CYS A 199 22.07 7.42 11.50
CA CYS A 199 22.07 7.35 11.58
C CYS A 199 23.06 6.40 10.91
N GLU A 200 22.93 5.12 11.26
CA GLU A 200 23.83 4.06 10.78
C GLU A 200 23.02 3.03 10.01
N ALA A 201 23.42 2.77 8.78
CA ALA A 201 22.74 1.81 7.89
C ALA A 201 23.60 0.60 7.66
N THR A 202 23.04 -0.58 7.90
CA THR A 202 23.70 -1.85 7.64
C THR A 202 23.01 -2.52 6.46
N HIS A 203 23.77 -2.73 5.40
CA HIS A 203 23.28 -3.32 4.17
C HIS A 203 24.29 -4.38 3.70
N LYS A 204 23.80 -5.42 3.05
CA LYS A 204 24.66 -6.52 2.60
C LYS A 204 25.83 -6.07 1.73
N THR A 205 25.71 -4.91 1.09
CA THR A 205 26.78 -4.35 0.24
C THR A 205 28.07 -4.01 0.99
N SER A 206 28.05 -4.09 2.33
CA SER A 206 29.30 -4.00 3.11
C SER A 206 29.14 -4.48 4.56
N THR A 207 30.18 -5.12 5.11
CA THR A 207 30.17 -5.49 6.53
C THR A 207 30.18 -4.23 7.40
N SER A 208 30.74 -3.15 6.88
CA SER A 208 30.85 -1.90 7.64
C SER A 208 29.57 -1.09 7.49
N PRO A 209 28.99 -0.63 8.61
CA PRO A 209 27.84 0.29 8.49
C PRO A 209 28.20 1.61 7.77
N ILE A 210 27.25 2.17 7.04
CA ILE A 210 27.37 3.54 6.52
C ILE A 210 26.87 4.43 7.64
N VAL A 211 27.71 5.35 8.07
CA VAL A 211 27.43 6.22 9.21
C VAL A 211 27.39 7.66 8.74
N LYS A 212 26.29 8.34 9.04
CA LYS A 212 26.20 9.75 8.77
C LYS A 212 25.82 10.44 10.05
N SER A 213 26.56 11.50 10.39
CA SER A 213 26.42 12.12 11.68
C SER A 213 26.51 13.63 11.56
N PHE A 214 25.96 14.34 12.55
CA PHE A 214 26.21 15.78 12.75
C PHE A 214 26.28 16.11 14.24
N ASN A 215 26.90 17.25 14.56
CA ASN A 215 26.92 17.76 15.94
C ASN A 215 26.08 19.02 16.09
N ARG A 216 25.21 19.04 17.09
CA ARG A 216 24.21 20.10 17.22
C ARG A 216 24.88 21.46 17.43
N ASN A 217 26.02 21.45 18.13
CA ASN A 217 26.77 22.69 18.39
C ASN A 217 27.54 23.24 17.17
N GLU A 218 27.28 22.69 15.98
CA GLU A 218 27.81 23.22 14.73
C GLU A 218 26.69 23.33 13.71
N GLU B 1 -13.45 0.61 -20.34
CA GLU B 1 -14.65 1.48 -20.15
C GLU B 1 -15.70 0.81 -19.26
N VAL B 2 -16.03 -0.45 -19.52
CA VAL B 2 -17.01 -1.18 -18.69
C VAL B 2 -16.37 -1.35 -17.32
N GLN B 3 -17.06 -0.93 -16.26
CA GLN B 3 -16.46 -1.00 -14.92
C GLN B 3 -17.44 -0.90 -13.75
N LEU B 4 -16.90 -1.26 -12.58
CA LEU B 4 -17.55 -1.00 -11.32
C LEU B 4 -16.89 0.24 -10.75
N GLN B 5 -17.70 1.24 -10.39
N GLN B 5 -17.68 1.27 -10.44
CA GLN B 5 -17.23 2.51 -9.84
CA GLN B 5 -17.17 2.48 -9.82
C GLN B 5 -17.65 2.69 -8.38
C GLN B 5 -17.64 2.59 -8.38
N GLN B 6 -16.68 2.73 -7.49
CA GLN B 6 -16.95 2.83 -6.08
C GLN B 6 -16.97 4.29 -5.61
N SER B 7 -17.71 4.54 -4.55
CA SER B 7 -17.80 5.87 -3.96
C SER B 7 -16.45 6.33 -3.42
N GLY B 8 -16.38 7.64 -3.17
CA GLY B 8 -15.13 8.27 -2.81
C GLY B 8 -14.74 8.03 -1.37
N ALA B 9 -13.54 8.47 -1.02
CA ALA B 9 -13.02 8.23 0.31
C ALA B 9 -13.92 8.84 1.37
N GLU B 10 -13.93 8.19 2.53
CA GLU B 10 -14.74 8.60 3.66
C GLU B 10 -13.85 8.77 4.88
N ILE B 11 -14.05 9.86 5.61
CA ILE B 11 -13.52 10.00 6.96
C ILE B 11 -14.69 10.11 7.92
N VAL B 12 -14.68 9.29 8.96
CA VAL B 12 -15.81 9.14 9.86
C VAL B 12 -15.29 8.91 11.27
N ARG B 13 -16.04 9.38 12.26
CA ARG B 13 -15.71 9.21 13.68
C ARG B 13 -16.08 7.81 14.16
N SER B 14 -15.36 7.28 15.14
CA SER B 14 -15.74 6.00 15.74
C SER B 14 -17.16 6.06 16.30
N GLY B 15 -17.83 4.92 16.29
CA GLY B 15 -19.22 4.84 16.69
C GLY B 15 -20.21 5.22 15.60
N ALA B 16 -19.78 5.90 14.54
CA ALA B 16 -20.66 6.25 13.43
C ALA B 16 -20.85 5.07 12.47
N SER B 17 -21.65 5.29 11.44
N SER B 17 -21.67 5.29 11.45
CA SER B 17 -21.88 4.31 10.38
CA SER B 17 -21.92 4.31 10.39
C SER B 17 -21.57 4.96 9.05
C SER B 17 -21.53 4.95 9.06
N VAL B 18 -21.28 4.14 8.04
CA VAL B 18 -21.02 4.64 6.70
C VAL B 18 -21.65 3.67 5.71
N LYS B 19 -22.03 4.17 4.56
CA LYS B 19 -22.59 3.35 3.49
C LYS B 19 -21.79 3.59 2.22
N LEU B 20 -21.11 2.56 1.77
CA LEU B 20 -20.25 2.63 0.61
C LEU B 20 -21.08 2.12 -0.55
N SER B 21 -20.80 2.65 -1.74
CA SER B 21 -21.53 2.20 -2.92
C SER B 21 -20.61 1.72 -4.03
N CYS B 22 -21.20 0.92 -4.93
N CYS B 22 -21.18 0.90 -4.89
CA CYS B 22 -20.48 0.18 -5.96
CA CYS B 22 -20.47 0.33 -6.00
C CYS B 22 -21.40 0.09 -7.20
C CYS B 22 -21.50 0.27 -7.09
N ALA B 23 -21.23 1.02 -8.15
CA ALA B 23 -22.14 1.17 -9.31
C ALA B 23 -21.55 0.59 -10.60
N ALA B 24 -22.33 -0.25 -11.27
CA ALA B 24 -21.91 -0.86 -12.54
C ALA B 24 -22.25 0.05 -13.69
N SER B 25 -21.34 0.12 -14.64
CA SER B 25 -21.65 0.73 -15.91
C SER B 25 -21.08 -0.09 -17.07
N GLY B 26 -21.96 -0.43 -18.00
CA GLY B 26 -21.66 -1.31 -19.10
C GLY B 26 -22.21 -2.72 -18.91
N PHE B 27 -22.73 -3.01 -17.71
CA PHE B 27 -23.38 -4.29 -17.48
C PHE B 27 -24.44 -4.16 -16.42
N ASN B 28 -25.28 -5.19 -16.32
CA ASN B 28 -26.45 -5.21 -15.45
C ASN B 28 -26.13 -6.07 -14.23
N ILE B 29 -26.16 -5.49 -13.03
CA ILE B 29 -25.81 -6.29 -11.84
C ILE B 29 -26.77 -7.44 -11.55
N LYS B 30 -27.97 -7.44 -12.15
CA LYS B 30 -28.84 -8.62 -12.03
C LYS B 30 -28.19 -9.88 -12.60
N ASP B 31 -27.18 -9.70 -13.45
CA ASP B 31 -26.48 -10.81 -14.11
C ASP B 31 -25.22 -11.24 -13.34
N TYR B 32 -24.97 -10.63 -12.17
CA TYR B 32 -23.74 -10.85 -11.40
C TYR B 32 -24.01 -11.15 -9.92
N TYR B 33 -23.15 -11.98 -9.33
CA TYR B 33 -23.01 -12.07 -7.89
C TYR B 33 -21.96 -11.04 -7.51
N MET B 34 -22.17 -10.39 -6.36
CA MET B 34 -21.29 -9.32 -5.87
CA MET B 34 -21.28 -9.33 -5.88
CA MET B 34 -21.24 -9.37 -5.91
C MET B 34 -20.64 -9.74 -4.56
N HIS B 35 -19.37 -9.41 -4.42
CA HIS B 35 -18.58 -9.75 -3.26
C HIS B 35 -17.93 -8.50 -2.78
N TRP B 36 -17.78 -8.39 -1.46
CA TRP B 36 -17.03 -7.29 -0.88
C TRP B 36 -15.79 -7.84 -0.15
N VAL B 37 -14.70 -7.09 -0.27
CA VAL B 37 -13.39 -7.49 0.26
C VAL B 37 -12.79 -6.29 1.00
N LYS B 38 -12.12 -6.54 2.13
CA LYS B 38 -11.43 -5.53 2.90
C LYS B 38 -9.91 -5.73 2.74
N GLN B 39 -9.17 -4.63 2.66
CA GLN B 39 -7.72 -4.72 2.62
C GLN B 39 -7.05 -3.72 3.56
N ARG B 40 -6.14 -4.24 4.38
CA ARG B 40 -5.24 -3.43 5.20
C ARG B 40 -3.79 -3.82 4.95
N PRO B 41 -2.83 -2.88 5.11
CA PRO B 41 -1.43 -3.19 4.77
C PRO B 41 -0.81 -4.33 5.55
N GLU B 42 -1.12 -4.41 6.84
CA GLU B 42 -0.51 -5.45 7.70
C GLU B 42 -1.35 -6.72 7.81
N GLN B 43 -2.67 -6.59 7.97
CA GLN B 43 -3.54 -7.78 8.09
C GLN B 43 -3.92 -8.41 6.73
N GLY B 44 -3.77 -7.66 5.64
CA GLY B 44 -3.98 -8.19 4.28
C GLY B 44 -5.42 -8.19 3.81
N LEU B 45 -5.75 -9.11 2.91
CA LEU B 45 -7.10 -9.21 2.32
C LEU B 45 -8.05 -10.08 3.15
N GLU B 46 -9.28 -9.60 3.31
CA GLU B 46 -10.32 -10.34 4.01
C GLU B 46 -11.64 -10.29 3.25
N TRP B 47 -12.32 -11.42 3.10
CA TRP B 47 -13.62 -11.47 2.46
C TRP B 47 -14.72 -11.08 3.46
N ILE B 48 -15.58 -10.17 3.03
CA ILE B 48 -16.66 -9.66 3.86
C ILE B 48 -17.98 -10.40 3.65
N GLY B 49 -18.39 -10.56 2.40
CA GLY B 49 -19.67 -11.14 2.10
C GLY B 49 -19.98 -11.25 0.62
N TRP B 50 -21.12 -11.87 0.35
CA TRP B 50 -21.59 -12.17 -1.00
C TRP B 50 -23.08 -11.81 -1.07
N ILE B 51 -23.52 -11.34 -2.22
CA ILE B 51 -24.92 -10.96 -2.42
C ILE B 51 -25.31 -11.29 -3.85
N ASP B 52 -26.53 -11.80 -4.00
CA ASP B 52 -27.17 -11.91 -5.31
C ASP B 52 -28.16 -10.73 -5.42
N PRO B 53 -27.78 -9.68 -6.16
CA PRO B 53 -28.62 -8.48 -6.21
C PRO B 53 -30.04 -8.72 -6.71
N GLU B 54 -30.21 -9.65 -7.65
CA GLU B 54 -31.53 -9.89 -8.22
C GLU B 54 -32.57 -10.28 -7.17
N ASN B 55 -32.20 -11.15 -6.22
CA ASN B 55 -33.18 -11.68 -5.27
C ASN B 55 -32.82 -11.44 -3.79
N GLY B 56 -31.73 -10.72 -3.57
CA GLY B 56 -31.32 -10.31 -2.25
C GLY B 56 -30.68 -11.37 -1.36
N ASP B 57 -30.42 -12.57 -1.85
CA ASP B 57 -29.70 -13.58 -1.02
C ASP B 57 -28.33 -13.03 -0.60
N ILE B 58 -27.95 -13.28 0.65
CA ILE B 58 -26.77 -12.70 1.26
C ILE B 58 -26.07 -13.74 2.15
N ALA B 59 -24.75 -13.59 2.27
CA ALA B 59 -23.96 -14.36 3.24
C ALA B 59 -22.78 -13.52 3.66
N TYR B 60 -22.48 -13.54 4.97
CA TYR B 60 -21.37 -12.78 5.54
C TYR B 60 -20.31 -13.69 6.17
N ALA B 61 -19.05 -13.28 6.11
CA ALA B 61 -18.02 -13.88 6.94
C ALA B 61 -18.43 -13.66 8.42
N PRO B 62 -18.20 -14.66 9.27
CA PRO B 62 -18.56 -14.54 10.69
C PRO B 62 -18.11 -13.23 11.36
N LYS B 63 -16.89 -12.81 11.06
CA LYS B 63 -16.34 -11.62 11.68
C LYS B 63 -17.02 -10.33 11.29
N PHE B 64 -17.77 -10.35 10.19
CA PHE B 64 -18.53 -9.18 9.78
C PHE B 64 -20.05 -9.28 10.04
N GLN B 65 -20.50 -10.34 10.71
CA GLN B 65 -21.91 -10.44 11.08
C GLN B 65 -22.16 -9.39 12.17
N GLY B 66 -23.09 -8.48 11.89
CA GLY B 66 -23.33 -7.33 12.76
C GLY B 66 -22.54 -6.06 12.40
N LYS B 67 -21.41 -6.21 11.74
CA LYS B 67 -20.61 -5.08 11.30
C LYS B 67 -21.10 -4.61 9.93
N ALA B 68 -21.32 -5.57 9.03
CA ALA B 68 -21.61 -5.28 7.65
C ALA B 68 -23.07 -5.55 7.30
N THR B 69 -23.62 -4.69 6.45
CA THR B 69 -24.94 -4.91 5.87
C THR B 69 -24.86 -4.64 4.38
N MET B 70 -25.07 -5.68 3.57
CA MET B 70 -25.03 -5.53 2.12
CA MET B 70 -25.03 -5.59 2.10
C MET B 70 -26.43 -5.47 1.54
N THR B 71 -26.62 -4.55 0.62
CA THR B 71 -27.89 -4.41 -0.12
C THR B 71 -27.55 -4.12 -1.60
N ALA B 72 -28.57 -4.15 -2.43
CA ALA B 72 -28.41 -3.75 -3.80
C ALA B 72 -29.70 -3.15 -4.37
N ASP B 73 -29.53 -2.24 -5.32
CA ASP B 73 -30.65 -1.59 -6.00
C ASP B 73 -30.46 -1.83 -7.49
N THR B 74 -31.17 -2.82 -8.02
CA THR B 74 -31.00 -3.16 -9.43
C THR B 74 -31.45 -2.01 -10.34
N SER B 75 -32.45 -1.23 -9.92
CA SER B 75 -32.90 -0.11 -10.77
C SER B 75 -31.80 0.94 -11.02
N SER B 76 -30.93 1.15 -10.04
CA SER B 76 -29.78 2.05 -10.23
C SER B 76 -28.46 1.28 -10.49
N ASN B 77 -28.55 -0.04 -10.61
CA ASN B 77 -27.40 -0.86 -10.95
C ASN B 77 -26.25 -0.66 -9.93
N THR B 78 -26.61 -0.62 -8.66
N THR B 78 -26.57 -0.64 -8.65
CA THR B 78 -25.68 -0.27 -7.58
CA THR B 78 -25.59 -0.27 -7.63
C THR B 78 -25.78 -1.28 -6.45
C THR B 78 -25.75 -1.13 -6.39
N ALA B 79 -24.62 -1.61 -5.87
CA ALA B 79 -24.58 -2.40 -4.64
C ALA B 79 -24.01 -1.55 -3.53
N TYR B 80 -24.47 -1.81 -2.31
CA TYR B 80 -24.05 -1.03 -1.14
C TYR B 80 -23.50 -1.89 -0.02
N LEU B 81 -22.55 -1.32 0.72
CA LEU B 81 -22.04 -1.93 1.94
C LEU B 81 -22.10 -0.91 3.05
N GLN B 82 -22.93 -1.20 4.04
CA GLN B 82 -23.03 -0.36 5.22
C GLN B 82 -22.16 -0.98 6.31
N LEU B 83 -21.38 -0.15 6.99
CA LEU B 83 -20.55 -0.58 8.12
C LEU B 83 -21.01 0.20 9.32
N SER B 84 -21.34 -0.50 10.41
N SER B 84 -21.32 -0.51 10.40
CA SER B 84 -21.84 0.15 11.62
CA SER B 84 -21.87 0.09 11.63
C SER B 84 -20.81 0.13 12.75
C SER B 84 -20.86 0.05 12.78
N ARG B 85 -21.11 0.89 13.80
CA ARG B 85 -20.30 0.92 15.04
C ARG B 85 -18.81 1.01 14.77
N LEU B 86 -18.43 1.98 13.95
CA LEU B 86 -17.10 2.00 13.38
C LEU B 86 -16.00 2.20 14.43
N THR B 87 -14.88 1.52 14.21
CA THR B 87 -13.71 1.68 15.03
C THR B 87 -12.49 1.77 14.11
N SER B 88 -11.34 2.02 14.71
CA SER B 88 -10.08 2.06 13.99
C SER B 88 -9.74 0.79 13.20
N GLU B 89 -10.16 -0.38 13.67
N GLU B 89 -10.18 -0.37 13.71
CA GLU B 89 -9.91 -1.62 12.92
CA GLU B 89 -10.03 -1.66 13.01
C GLU B 89 -10.76 -1.73 11.64
C GLU B 89 -10.66 -1.62 11.61
N ASP B 90 -11.67 -0.77 11.43
CA ASP B 90 -12.42 -0.69 10.17
C ASP B 90 -11.74 0.21 9.15
N THR B 91 -10.72 0.95 9.57
CA THR B 91 -9.92 1.74 8.65
C THR B 91 -9.23 0.80 7.66
N ALA B 92 -9.61 0.94 6.38
CA ALA B 92 -9.17 -0.02 5.37
C ALA B 92 -9.56 0.51 3.99
N VAL B 93 -9.11 -0.18 2.96
CA VAL B 93 -9.71 -0.03 1.64
C VAL B 93 -10.71 -1.15 1.40
N TYR B 94 -11.89 -0.80 0.90
CA TYR B 94 -12.97 -1.76 0.65
C TYR B 94 -13.16 -1.88 -0.86
N PHE B 95 -13.18 -3.13 -1.37
CA PHE B 95 -13.35 -3.40 -2.81
C PHE B 95 -14.64 -4.16 -3.03
N CYS B 96 -15.24 -3.94 -4.20
N CYS B 96 -15.35 -3.86 -4.12
CA CYS B 96 -16.43 -4.64 -4.64
CA CYS B 96 -16.44 -4.72 -4.57
C CYS B 96 -16.08 -5.39 -5.92
C CYS B 96 -15.95 -5.48 -5.80
N ASN B 97 -16.54 -6.64 -6.02
CA ASN B 97 -16.16 -7.55 -7.12
C ASN B 97 -17.42 -8.21 -7.65
N GLY B 98 -17.73 -8.04 -8.94
CA GLY B 98 -18.88 -8.70 -9.55
C GLY B 98 -18.40 -9.84 -10.43
N ARG B 99 -19.06 -10.99 -10.32
CA ARG B 99 -18.73 -12.15 -11.16
C ARG B 99 -19.97 -12.74 -11.75
N GLY B 100 -20.02 -12.82 -13.08
CA GLY B 100 -21.26 -13.26 -13.72
C GLY B 100 -21.24 -13.06 -15.22
N GLY B 101 -22.42 -12.77 -15.76
CA GLY B 101 -22.61 -12.66 -17.21
C GLY B 101 -22.26 -13.97 -17.91
N MET B 102 -22.58 -15.10 -17.28
CA MET B 102 -22.22 -16.41 -17.82
C MET B 102 -23.37 -17.03 -18.59
N ILE B 103 -23.23 -17.12 -19.91
CA ILE B 103 -24.23 -17.74 -20.78
C ILE B 103 -24.05 -19.26 -20.80
N THR B 104 -22.84 -19.71 -21.05
CA THR B 104 -22.51 -21.14 -20.93
C THR B 104 -21.33 -21.38 -19.97
N THR B 105 -20.11 -21.22 -20.46
CA THR B 105 -18.92 -21.44 -19.64
C THR B 105 -18.05 -20.18 -19.47
N ASP B 106 -18.24 -19.20 -20.34
CA ASP B 106 -17.48 -17.96 -20.27
C ASP B 106 -18.13 -16.98 -19.31
N PHE B 107 -17.31 -16.22 -18.60
CA PHE B 107 -17.85 -15.26 -17.65
C PHE B 107 -17.00 -14.01 -17.53
N PHE B 108 -17.58 -13.01 -16.88
CA PHE B 108 -16.95 -11.72 -16.68
C PHE B 108 -16.68 -11.52 -15.18
N ASP B 109 -15.57 -10.87 -14.87
CA ASP B 109 -15.15 -10.60 -13.49
C ASP B 109 -14.61 -9.16 -13.45
N TYR B 110 -15.26 -8.35 -12.63
CA TYR B 110 -14.94 -6.94 -12.49
C TYR B 110 -14.70 -6.57 -11.04
N TRP B 111 -13.71 -5.70 -10.85
CA TRP B 111 -13.43 -5.11 -9.54
C TRP B 111 -13.57 -3.60 -9.56
N GLY B 112 -14.13 -3.06 -8.48
CA GLY B 112 -14.13 -1.64 -8.29
C GLY B 112 -12.72 -1.22 -7.97
N GLN B 113 -12.49 0.08 -7.98
CA GLN B 113 -11.17 0.65 -7.75
C GLN B 113 -10.79 0.76 -6.26
N GLY B 114 -11.74 0.48 -5.38
CA GLY B 114 -11.54 0.55 -3.94
C GLY B 114 -12.04 1.87 -3.35
N THR B 115 -12.52 1.83 -2.12
CA THR B 115 -12.91 3.00 -1.36
C THR B 115 -12.14 2.97 -0.06
N THR B 116 -11.46 4.08 0.23
CA THR B 116 -10.71 4.23 1.48
C THR B 116 -11.65 4.76 2.55
N LEU B 117 -11.66 4.08 3.70
CA LEU B 117 -12.36 4.51 4.89
C LEU B 117 -11.31 4.78 5.98
N THR B 118 -11.41 5.94 6.61
CA THR B 118 -10.55 6.30 7.73
C THR B 118 -11.45 6.60 8.90
N VAL B 119 -11.23 5.88 9.99
CA VAL B 119 -12.07 6.04 11.17
C VAL B 119 -11.23 6.76 12.19
N SER B 120 -11.61 8.01 12.45
CA SER B 120 -10.79 8.87 13.34
C SER B 120 -11.57 10.08 13.80
N SER B 121 -11.28 10.58 14.99
N SER B 121 -11.24 10.55 15.01
CA SER B 121 -11.90 11.82 15.43
CA SER B 121 -11.81 11.77 15.60
C SER B 121 -10.95 13.00 15.33
C SER B 121 -11.03 13.01 15.19
N ALA B 122 -9.84 12.83 14.59
CA ALA B 122 -8.94 13.93 14.31
C ALA B 122 -9.64 15.04 13.51
N LYS B 123 -9.27 16.29 13.78
CA LYS B 123 -9.78 17.45 13.01
C LYS B 123 -8.90 17.68 11.80
N THR B 124 -9.51 18.23 10.75
CA THR B 124 -8.78 18.66 9.58
C THR B 124 -7.71 19.65 10.04
N THR B 125 -6.46 19.35 9.70
CA THR B 125 -5.30 20.07 10.19
C THR B 125 -4.31 20.21 9.01
N PRO B 126 -3.90 21.45 8.66
CA PRO B 126 -2.87 21.61 7.65
C PRO B 126 -1.50 21.14 8.16
N PRO B 127 -0.61 20.74 7.25
CA PRO B 127 0.74 20.33 7.62
C PRO B 127 1.62 21.50 8.04
N SER B 128 2.57 21.24 8.93
CA SER B 128 3.71 22.11 9.09
C SER B 128 4.76 21.55 8.14
N VAL B 129 5.37 22.42 7.34
CA VAL B 129 6.35 22.01 6.36
C VAL B 129 7.72 22.57 6.73
N TYR B 130 8.71 21.70 6.81
CA TYR B 130 10.06 22.08 7.25
C TYR B 130 11.12 21.68 6.23
N PRO B 131 12.06 22.59 5.95
CA PRO B 131 13.16 22.29 5.02
C PRO B 131 14.18 21.34 5.63
N LEU B 132 14.67 20.43 4.80
CA LEU B 132 15.77 19.52 5.19
C LEU B 132 16.99 19.84 4.32
N ALA B 133 18.02 20.36 4.96
CA ALA B 133 19.28 20.72 4.30
C ALA B 133 20.40 20.03 5.08
N PRO B 134 21.46 19.61 4.38
CA PRO B 134 22.56 18.88 5.02
C PRO B 134 23.32 19.76 6.01
N GLY B 135 23.94 19.13 7.01
CA GLY B 135 24.66 19.85 8.07
C GLY B 135 25.75 20.80 7.57
N SER B 136 26.09 21.78 8.41
CA SER B 136 27.06 22.83 8.07
C SER B 136 28.51 22.31 8.04
N ALA B 137 28.74 21.09 8.53
CA ALA B 137 30.01 20.40 8.37
C ALA B 137 29.90 19.24 7.36
N ALA B 138 29.06 19.42 6.33
CA ALA B 138 28.83 18.39 5.31
C ALA B 138 29.36 18.86 3.95
N GLN B 139 30.38 18.16 3.45
CA GLN B 139 31.03 18.53 2.18
C GLN B 139 30.26 18.00 0.97
N THR B 140 29.89 18.90 0.07
CA THR B 140 29.09 18.56 -1.10
C THR B 140 29.83 17.57 -2.02
N ASN B 141 29.14 16.49 -2.39
CA ASN B 141 29.71 15.50 -3.29
C ASN B 141 29.50 15.92 -4.75
N SER B 142 29.34 14.93 -5.63
CA SER B 142 28.87 15.17 -6.99
C SER B 142 27.38 15.56 -7.02
N MET B 143 26.59 14.86 -6.22
CA MET B 143 25.16 15.12 -6.09
C MET B 143 24.92 15.58 -4.67
N VAL B 144 23.86 16.34 -4.45
CA VAL B 144 23.46 16.65 -3.08
C VAL B 144 21.99 16.29 -2.91
N THR B 145 21.62 15.79 -1.72
CA THR B 145 20.24 15.43 -1.42
C THR B 145 19.64 16.41 -0.42
N LEU B 146 18.45 16.88 -0.78
CA LEU B 146 17.67 17.80 0.02
C LEU B 146 16.32 17.17 0.30
N GLY B 147 15.60 17.79 1.21
CA GLY B 147 14.29 17.27 1.54
C GLY B 147 13.30 18.24 2.11
N CYS B 148 12.11 17.73 2.28
CA CYS B 148 11.05 18.46 2.95
CA CYS B 148 10.96 18.44 2.81
C CYS B 148 10.26 17.54 3.85
N LEU B 149 10.06 18.01 5.08
CA LEU B 149 9.35 17.25 6.09
C LEU B 149 7.97 17.88 6.22
N VAL B 150 6.92 17.07 6.05
CA VAL B 150 5.53 17.50 6.07
C VAL B 150 4.85 16.83 7.27
N LYS B 151 4.64 17.61 8.31
CA LYS B 151 4.33 17.04 9.62
C LYS B 151 2.99 17.49 10.19
N GLY B 152 2.26 16.54 10.74
CA GLY B 152 1.10 16.81 11.60
C GLY B 152 -0.14 17.23 10.85
N TYR B 153 -0.41 16.59 9.72
CA TYR B 153 -1.62 16.89 8.95
C TYR B 153 -2.67 15.80 9.07
N PHE B 154 -3.90 16.20 8.77
CA PHE B 154 -5.05 15.31 8.73
C PHE B 154 -6.11 15.92 7.85
N PRO B 155 -6.75 15.11 6.99
CA PRO B 155 -6.49 13.71 6.65
C PRO B 155 -5.46 13.59 5.54
N GLU B 156 -5.20 12.36 5.10
N GLU B 156 -5.23 12.36 5.09
CA GLU B 156 -4.49 12.15 3.85
CA GLU B 156 -4.49 12.10 3.86
C GLU B 156 -5.40 12.59 2.70
C GLU B 156 -5.39 12.54 2.69
N PRO B 157 -4.81 12.95 1.54
CA PRO B 157 -3.39 13.05 1.22
C PRO B 157 -2.84 14.46 1.18
N VAL B 158 -1.52 14.53 1.06
CA VAL B 158 -0.85 15.74 0.59
C VAL B 158 -0.16 15.40 -0.73
N THR B 159 0.12 16.43 -1.50
CA THR B 159 0.95 16.29 -2.70
C THR B 159 2.20 17.14 -2.50
N VAL B 160 3.33 16.65 -3.00
CA VAL B 160 4.59 17.37 -2.91
C VAL B 160 5.19 17.44 -4.30
N THR B 161 5.53 18.65 -4.73
CA THR B 161 6.36 18.86 -5.91
C THR B 161 7.60 19.69 -5.53
N TRP B 162 8.54 19.74 -6.47
CA TRP B 162 9.79 20.49 -6.32
C TRP B 162 9.96 21.48 -7.48
N ASN B 163 10.27 22.73 -7.13
CA ASN B 163 10.38 23.87 -8.06
C ASN B 163 9.17 23.97 -8.96
N SER B 164 8.01 23.86 -8.32
CA SER B 164 6.71 24.04 -8.97
C SER B 164 6.58 23.13 -10.18
N GLY B 165 7.11 21.91 -10.03
CA GLY B 165 7.08 20.87 -11.07
C GLY B 165 8.30 20.83 -11.98
N SER B 166 9.14 21.86 -11.93
CA SER B 166 10.30 21.93 -12.82
C SER B 166 11.40 20.93 -12.45
N LEU B 167 11.37 20.42 -11.23
CA LEU B 167 12.33 19.44 -10.75
C LEU B 167 11.57 18.14 -10.49
N SER B 168 11.72 17.19 -11.39
CA SER B 168 10.94 15.95 -11.37
C SER B 168 11.79 14.70 -11.28
N SER B 169 12.98 14.70 -11.87
CA SER B 169 13.85 13.55 -11.73
C SER B 169 14.57 13.60 -10.38
N GLY B 170 14.95 12.44 -9.90
CA GLY B 170 15.64 12.33 -8.62
C GLY B 170 14.79 12.64 -7.40
N VAL B 171 13.47 12.53 -7.53
CA VAL B 171 12.53 12.78 -6.43
C VAL B 171 11.91 11.48 -5.95
N HIS B 172 11.89 11.35 -4.62
N HIS B 172 11.77 11.33 -4.66
CA HIS B 172 11.14 10.32 -3.87
CA HIS B 172 10.74 10.44 -4.22
C HIS B 172 10.22 11.01 -2.84
C HIS B 172 10.22 10.87 -2.87
N THR B 173 8.93 10.64 -2.77
CA THR B 173 8.12 11.03 -1.66
C THR B 173 7.70 9.75 -0.98
N PHE B 174 8.02 9.66 0.29
CA PHE B 174 7.75 8.46 1.08
C PHE B 174 6.30 8.41 1.55
N PRO B 175 5.75 7.21 1.74
CA PRO B 175 4.42 7.08 2.33
C PRO B 175 4.27 7.74 3.71
N ALA B 176 3.10 8.29 3.97
CA ALA B 176 2.82 8.86 5.28
C ALA B 176 2.77 7.76 6.34
N VAL B 177 3.13 8.13 7.56
CA VAL B 177 2.92 7.30 8.75
C VAL B 177 2.15 8.12 9.80
N LEU B 178 1.40 7.46 10.66
CA LEU B 178 0.72 8.15 11.76
C LEU B 178 1.66 8.38 12.92
N GLN B 179 1.56 9.59 13.44
CA GLN B 179 2.35 10.04 14.59
C GLN B 179 1.41 10.93 15.40
N SER B 180 1.02 10.49 16.58
CA SER B 180 0.11 11.25 17.47
C SER B 180 -1.23 11.58 16.80
N ASP B 181 -1.82 10.59 16.13
CA ASP B 181 -3.13 10.72 15.48
C ASP B 181 -3.14 11.67 14.26
N LEU B 182 -1.96 12.12 13.85
CA LEU B 182 -1.79 12.89 12.62
C LEU B 182 -0.79 12.20 11.72
N TYR B 183 -0.76 12.62 10.47
CA TYR B 183 0.17 12.05 9.51
C TYR B 183 1.44 12.87 9.33
N THR B 184 2.51 12.16 8.97
CA THR B 184 3.80 12.77 8.67
CA THR B 184 3.77 12.80 8.63
C THR B 184 4.43 12.06 7.47
N LEU B 185 5.03 12.81 6.56
CA LEU B 185 5.82 12.23 5.49
C LEU B 185 6.99 13.16 5.17
N SER B 186 7.98 12.63 4.45
N SER B 186 7.93 12.63 4.38
CA SER B 186 9.04 13.46 3.89
CA SER B 186 9.06 13.38 3.90
C SER B 186 9.14 13.18 2.41
C SER B 186 9.18 13.15 2.40
N SER B 187 9.80 14.10 1.71
CA SER B 187 10.11 13.98 0.32
C SER B 187 11.57 14.34 0.14
N SER B 188 12.28 13.60 -0.69
CA SER B 188 13.68 13.92 -0.98
C SER B 188 13.88 14.19 -2.47
N VAL B 189 14.87 15.03 -2.75
CA VAL B 189 15.19 15.38 -4.11
C VAL B 189 16.70 15.43 -4.19
N THR B 190 17.25 14.92 -5.28
CA THR B 190 18.68 14.93 -5.46
CA THR B 190 18.69 14.93 -5.48
C THR B 190 19.05 15.73 -6.71
N VAL B 191 19.99 16.64 -6.54
CA VAL B 191 20.38 17.54 -7.63
C VAL B 191 21.90 17.64 -7.67
N PRO B 192 22.45 18.12 -8.78
CA PRO B 192 23.90 18.28 -8.82
C PRO B 192 24.37 19.32 -7.79
N SER B 193 25.45 19.00 -7.09
CA SER B 193 25.95 19.85 -6.01
C SER B 193 26.42 21.20 -6.52
N SER B 194 26.82 21.26 -7.79
CA SER B 194 27.09 22.53 -8.46
C SER B 194 25.87 23.47 -8.53
N THR B 195 24.65 22.93 -8.52
CA THR B 195 23.45 23.75 -8.69
C THR B 195 22.83 24.25 -7.39
N TRP B 196 23.33 23.79 -6.23
CA TRP B 196 22.75 24.22 -4.97
C TRP B 196 23.87 24.47 -3.96
N PRO B 197 23.80 25.57 -3.21
CA PRO B 197 22.71 26.55 -3.08
C PRO B 197 22.74 27.70 -4.07
N SER B 198 23.59 27.63 -5.09
CA SER B 198 23.68 28.71 -6.08
C SER B 198 22.37 28.91 -6.86
N GLU B 199 21.66 27.82 -7.16
CA GLU B 199 20.29 27.91 -7.70
C GLU B 199 19.32 27.39 -6.65
N THR B 200 18.16 28.00 -6.56
N THR B 200 18.16 28.04 -6.56
CA THR B 200 17.28 27.72 -5.45
CA THR B 200 17.14 27.75 -5.56
C THR B 200 16.37 26.51 -5.70
C THR B 200 16.52 26.37 -5.75
N VAL B 201 16.13 25.75 -4.63
CA VAL B 201 15.28 24.56 -4.63
C VAL B 201 14.20 24.82 -3.60
N THR B 202 12.96 24.59 -4.03
CA THR B 202 11.78 24.80 -3.24
C THR B 202 10.88 23.58 -3.28
N CYS B 203 10.35 23.20 -2.13
CA CYS B 203 9.29 22.18 -2.12
CA CYS B 203 9.33 22.19 -1.97
C CYS B 203 7.93 22.85 -2.02
N ASN B 204 7.00 22.30 -2.80
CA ASN B 204 5.62 22.79 -2.89
C ASN B 204 4.70 21.73 -2.35
N VAL B 205 3.99 22.06 -1.28
CA VAL B 205 3.17 21.10 -0.58
C VAL B 205 1.73 21.55 -0.60
N ALA B 206 0.85 20.63 -0.99
CA ALA B 206 -0.55 20.95 -1.07
C ALA B 206 -1.37 19.97 -0.23
N HIS B 207 -2.35 20.49 0.50
CA HIS B 207 -3.23 19.67 1.32
C HIS B 207 -4.66 20.08 1.00
N PRO B 208 -5.31 19.36 0.06
CA PRO B 208 -6.63 19.83 -0.38
C PRO B 208 -7.67 19.93 0.73
N ALA B 209 -7.63 19.03 1.71
CA ALA B 209 -8.70 19.04 2.74
C ALA B 209 -8.77 20.36 3.50
N SER B 210 -7.62 21.01 3.67
CA SER B 210 -7.54 22.29 4.37
C SER B 210 -7.37 23.48 3.42
N SER B 211 -7.45 23.23 2.12
CA SER B 211 -7.19 24.25 1.07
C SER B 211 -5.85 24.97 1.23
N THR B 212 -4.84 24.24 1.72
CA THR B 212 -3.55 24.80 2.04
C THR B 212 -2.54 24.48 0.96
N LYS B 213 -1.82 25.51 0.51
CA LYS B 213 -0.63 25.32 -0.30
C LYS B 213 0.51 26.10 0.32
N VAL B 214 1.67 25.45 0.42
CA VAL B 214 2.82 26.01 1.10
C VAL B 214 4.06 25.75 0.26
N ASP B 215 4.93 26.75 0.18
CA ASP B 215 6.22 26.64 -0.50
C ASP B 215 7.32 26.86 0.52
N LYS B 216 8.30 25.99 0.54
CA LYS B 216 9.37 26.11 1.49
C LYS B 216 10.69 26.07 0.74
N LYS B 217 11.46 27.14 0.88
CA LYS B 217 12.79 27.25 0.26
C LYS B 217 13.81 26.43 1.06
N ILE B 218 14.68 25.70 0.38
CA ILE B 218 15.70 24.92 1.08
C ILE B 218 16.97 25.76 1.10
N VAL B 219 17.42 26.14 2.28
CA VAL B 219 18.63 26.95 2.41
C VAL B 219 19.64 26.21 3.26
N PRO B 220 20.95 26.48 3.03
CA PRO B 220 22.00 25.80 3.78
C PRO B 220 21.85 25.95 5.28
N LEU C 1 -34.90 -25.24 0.97
CA LEU C 1 -33.60 -25.34 0.21
C LEU C 1 -32.77 -24.05 0.34
N PRO C 2 -32.08 -23.87 1.49
CA PRO C 2 -31.22 -22.68 1.74
C PRO C 2 -30.20 -22.47 0.64
N THR C 3 -29.84 -21.20 0.39
CA THR C 3 -28.92 -20.89 -0.71
C THR C 3 -27.56 -20.41 -0.15
N PRO C 4 -26.50 -21.20 -0.34
CA PRO C 4 -25.19 -20.80 0.17
C PRO C 4 -24.54 -19.80 -0.79
N PRO C 5 -23.56 -19.01 -0.30
CA PRO C 5 -22.81 -18.16 -1.24
C PRO C 5 -21.96 -19.01 -2.17
N THR C 6 -21.57 -18.47 -3.32
CA THR C 6 -20.81 -19.24 -4.30
C THR C 6 -19.74 -18.42 -5.01
N ARG C 7 -18.67 -19.11 -5.41
CA ARG C 7 -17.63 -18.53 -6.27
C ARG C 7 -17.94 -18.78 -7.74
N GLU C 8 -19.03 -19.50 -8.02
CA GLU C 8 -19.44 -19.70 -9.41
C GLU C 8 -19.91 -18.35 -9.97
N PRO C 9 -19.68 -18.10 -11.26
CA PRO C 9 -20.26 -16.88 -11.86
C PRO C 9 -21.77 -17.02 -11.98
N LYS C 10 -22.49 -15.91 -11.83
CA LYS C 10 -23.94 -15.95 -12.00
C LYS C 10 -24.29 -16.23 -13.46
N LYS C 11 -25.28 -17.09 -13.66
CA LYS C 11 -25.73 -17.45 -15.01
C LYS C 11 -26.71 -16.40 -15.55
N VAL C 12 -26.64 -16.18 -16.85
CA VAL C 12 -27.60 -15.32 -17.55
C VAL C 12 -28.11 -16.06 -18.78
N ALA C 13 -29.32 -15.74 -19.21
CA ALA C 13 -29.90 -16.35 -20.42
C ALA C 13 -29.22 -15.82 -21.69
N VAL C 14 -29.42 -16.52 -22.80
CA VAL C 14 -28.80 -16.15 -24.08
C VAL C 14 -29.35 -14.81 -24.57
N VAL C 15 -28.51 -14.09 -25.32
CA VAL C 15 -28.82 -12.74 -25.80
C VAL C 15 -29.21 -12.74 -27.30
N ARG C 16 -29.99 -13.74 -27.72
CA ARG C 16 -30.45 -13.88 -29.10
C ARG C 16 -29.32 -13.75 -30.13
#